data_3SWQ
#
_entry.id   3SWQ
#
_cell.length_a   138.300
_cell.length_b   138.300
_cell.length_c   138.300
_cell.angle_alpha   90.00
_cell.angle_beta   90.00
_cell.angle_gamma   90.00
#
_symmetry.space_group_name_H-M   'I 2 3'
#
loop_
_entity.id
_entity.type
_entity.pdbx_description
1 polymer 'UDP-N-acetylglucosamine 1-carboxyvinyltransferase'
2 non-polymer 'TRIETHYLENE GLYCOL'
3 non-polymer DI(HYDROXYETHYL)ETHER
4 non-polymer 1,2-ETHANEDIOL
5 non-polymer 'ACETATE ION'
6 non-polymer 'URIDINE-DIPHOSPHATE-2(N-ACETYLGLUCOSAMINYL) BUTYRIC ACID'
7 water water
#
_entity_poly.entity_id   1
_entity_poly.type   'polypeptide(L)'
_entity_poly.pdbx_seq_one_letter_code
;MDKFRVQGPTRLQGEVTISGAKNAALPILFAALLAEEPVEIQNVPKLKDIDTTMKLLTQLGTKVER(IAS)GSVWIDASN
VNNFSAPYDLVKTMRASIWALGPLVARFGQGQVSLPGGCAIGARPVDLHIFGLEKLGAEIKLEEGYVKASVNGRLKGAHI
VMDKVSVGATVTIMSAATLAEGTTIIENAAREPEIVDTANFLVALGAKISGQGTDRITIEGVERLGGGVYRVLPDRIETG
TFLVAAAISGGKIVCRNAQPDTLDAVLAKLREAGADIETGEDWISLDMHGKRPKAVTVRTAPHPAFPTDMQAQFTLLNLV
AEGTGVITETIFENRFMHVPELIRMGAHAEIESNTVICHGVEKLSGAQVMATDLRASASLVLAGCIAEGTTVVDRIYHID
RGYERIEDKLRALGANIERVKGE
;
_entity_poly.pdbx_strand_id   A
#
loop_
_chem_comp.id
_chem_comp.type
_chem_comp.name
_chem_comp.formula
ACT non-polymer 'ACETATE ION' 'C2 H3 O2 -1'
EDO non-polymer 1,2-ETHANEDIOL 'C2 H6 O2'
EPU non-polymer 'URIDINE-DIPHOSPHATE-2(N-ACETYLGLUCOSAMINYL) BUTYRIC ACID' 'C20 H29 N3 O19 P2'
IAS L-beta-peptide, C-gamma linking 'BETA-L-ASPARTIC ACID' 'C4 H7 N O4'
PEG non-polymer DI(HYDROXYETHYL)ETHER 'C4 H10 O3'
PGE non-polymer 'TRIETHYLENE GLYCOL' 'C6 H14 O4'
#
# COMPACT_ATOMS: atom_id res chain seq x y z
N MET A 1 -9.98 -4.50 -22.27
CA MET A 1 -9.27 -3.86 -21.11
C MET A 1 -10.05 -2.65 -20.60
N ASP A 2 -10.37 -2.68 -19.32
CA ASP A 2 -11.12 -1.58 -18.71
C ASP A 2 -10.46 -0.20 -18.82
N LYS A 3 -11.30 0.81 -18.94
CA LYS A 3 -10.84 2.20 -18.98
C LYS A 3 -11.86 3.07 -18.26
N PHE A 4 -11.44 4.22 -17.76
CA PHE A 4 -12.38 5.14 -17.10
C PHE A 4 -12.61 6.34 -18.00
N ARG A 5 -13.87 6.72 -18.19
CA ARG A 5 -14.23 7.93 -18.93
C ARG A 5 -14.72 8.92 -17.86
N VAL A 6 -13.96 9.98 -17.65
CA VAL A 6 -14.30 10.96 -16.62
C VAL A 6 -14.65 12.29 -17.28
N GLN A 7 -15.74 12.89 -16.82
CA GLN A 7 -16.21 14.17 -17.34
C GLN A 7 -16.03 15.20 -16.23
N GLY A 8 -15.30 16.27 -16.53
CA GLY A 8 -15.07 17.31 -15.54
C GLY A 8 -15.43 18.68 -16.08
N PRO A 9 -15.38 19.73 -15.24
CA PRO A 9 -14.98 19.69 -13.83
C PRO A 9 -16.13 19.43 -12.84
N THR A 10 -15.77 18.91 -11.67
CA THR A 10 -16.74 18.59 -10.63
C THR A 10 -16.18 18.99 -9.28
N ARG A 11 -17.04 19.56 -8.43
CA ARG A 11 -16.67 19.90 -7.06
C ARG A 11 -17.10 18.67 -6.26
N LEU A 12 -16.14 17.98 -5.65
CA LEU A 12 -16.45 16.79 -4.85
C LEU A 12 -16.99 17.14 -3.46
N GLN A 13 -18.13 16.57 -3.10
CA GLN A 13 -18.78 16.87 -1.82
C GLN A 13 -19.53 15.65 -1.30
N GLY A 14 -19.44 15.40 0.00
CA GLY A 14 -20.16 14.28 0.57
C GLY A 14 -19.38 13.47 1.60
N GLU A 15 -19.69 12.18 1.65
CA GLU A 15 -19.05 11.25 2.56
C GLU A 15 -18.48 10.03 1.87
N VAL A 16 -17.41 9.50 2.45
CA VAL A 16 -16.79 8.30 1.91
C VAL A 16 -16.43 7.44 3.11
N THR A 17 -16.65 6.13 3.01
CA THR A 17 -16.28 5.26 4.12
C THR A 17 -14.99 4.57 3.72
N ILE A 18 -13.95 4.78 4.52
CA ILE A 18 -12.65 4.22 4.27
C ILE A 18 -12.59 2.71 4.45
N SER A 19 -12.02 2.03 3.45
CA SER A 19 -11.85 0.57 3.48
C SER A 19 -10.63 0.18 4.31
N GLY A 20 -10.53 -1.10 4.64
CA GLY A 20 -9.39 -1.57 5.40
C GLY A 20 -8.14 -1.39 4.54
N ALA A 21 -6.99 -1.21 5.20
CA ALA A 21 -5.72 -1.02 4.52
C ALA A 21 -5.25 -2.18 3.65
N LYS A 22 -5.08 -1.90 2.37
CA LYS A 22 -4.56 -2.91 1.45
C LYS A 22 -3.23 -3.42 2.00
N ASN A 23 -2.42 -2.45 2.43
CA ASN A 23 -1.09 -2.72 2.97
C ASN A 23 -0.92 -3.40 4.31
N ALA A 24 -2.03 -3.59 5.01
CA ALA A 24 -2.04 -4.31 6.29
C ALA A 24 -2.69 -5.67 5.98
N ALA A 25 -3.77 -5.65 5.20
CA ALA A 25 -4.44 -6.90 4.85
C ALA A 25 -3.46 -7.86 4.16
N LEU A 26 -2.60 -7.33 3.28
CA LEU A 26 -1.62 -8.17 2.60
C LEU A 26 -0.67 -8.96 3.49
N PRO A 27 0.13 -8.25 4.32
CA PRO A 27 1.06 -8.98 5.19
C PRO A 27 0.36 -9.84 6.23
N ILE A 28 -0.84 -9.46 6.63
CA ILE A 28 -1.59 -10.23 7.62
C ILE A 28 -2.08 -11.51 6.93
N LEU A 29 -2.52 -11.40 5.68
CA LEU A 29 -2.97 -12.60 4.95
C LEU A 29 -1.82 -13.60 4.81
N PHE A 30 -0.63 -13.10 4.47
CA PHE A 30 0.54 -13.98 4.39
C PHE A 30 0.92 -14.56 5.75
N ALA A 31 0.85 -13.73 6.78
CA ALA A 31 1.20 -14.19 8.12
C ALA A 31 0.22 -15.28 8.57
N ALA A 32 -0.99 -15.29 8.01
CA ALA A 32 -1.96 -16.32 8.43
C ALA A 32 -1.46 -17.72 8.05
N LEU A 33 -0.46 -17.78 7.18
CA LEU A 33 0.17 -19.07 6.82
C LEU A 33 0.76 -19.76 8.04
N LEU A 34 1.06 -18.95 9.07
CA LEU A 34 1.63 -19.43 10.33
C LEU A 34 0.60 -20.03 11.28
N ALA A 35 -0.66 -19.68 11.07
CA ALA A 35 -1.73 -20.11 11.96
C ALA A 35 -2.15 -21.57 11.84
N GLU A 36 -2.13 -22.29 12.96
CA GLU A 36 -2.57 -23.69 12.98
C GLU A 36 -4.08 -23.84 13.08
N GLU A 37 -4.73 -22.77 13.54
CA GLU A 37 -6.19 -22.73 13.69
C GLU A 37 -6.83 -21.73 12.74
N PRO A 38 -8.16 -21.84 12.51
CA PRO A 38 -8.85 -20.91 11.61
C PRO A 38 -8.74 -19.47 12.05
N VAL A 39 -8.65 -18.58 11.06
CA VAL A 39 -8.53 -17.14 11.27
C VAL A 39 -9.59 -16.38 10.47
N GLU A 40 -10.12 -15.33 11.07
CA GLU A 40 -11.06 -14.44 10.42
C GLU A 40 -10.43 -13.06 10.39
N ILE A 41 -10.16 -12.55 9.19
CA ILE A 41 -9.55 -11.24 9.05
C ILE A 41 -10.67 -10.30 8.60
N GLN A 42 -11.02 -9.37 9.49
CA GLN A 42 -12.11 -8.42 9.23
C GLN A 42 -11.71 -7.13 8.54
N ASN A 43 -12.67 -6.50 7.86
CA ASN A 43 -12.40 -5.22 7.23
C ASN A 43 -11.37 -5.29 6.10
N VAL A 44 -11.44 -6.33 5.28
CA VAL A 44 -10.51 -6.49 4.16
C VAL A 44 -11.12 -5.86 2.92
N PRO A 45 -10.37 -4.95 2.27
CA PRO A 45 -10.87 -4.29 1.07
C PRO A 45 -11.07 -5.28 -0.09
N LYS A 46 -11.96 -4.94 -1.01
CA LYS A 46 -12.25 -5.73 -2.19
C LYS A 46 -11.45 -5.13 -3.34
N LEU A 47 -10.29 -5.73 -3.60
CA LEU A 47 -9.41 -5.23 -4.65
C LEU A 47 -8.53 -6.32 -5.25
N LYS A 48 -8.00 -6.05 -6.43
CA LYS A 48 -7.19 -7.03 -7.14
C LYS A 48 -6.04 -7.70 -6.43
N ASP A 49 -5.33 -6.94 -5.61
CA ASP A 49 -4.22 -7.48 -4.83
C ASP A 49 -4.70 -8.54 -3.84
N ILE A 50 -5.89 -8.34 -3.28
CA ILE A 50 -6.42 -9.31 -2.33
C ILE A 50 -6.79 -10.56 -3.13
N ASP A 51 -7.33 -10.37 -4.32
CA ASP A 51 -7.66 -11.51 -5.17
C ASP A 51 -6.42 -12.36 -5.45
N THR A 52 -5.31 -11.70 -5.82
CA THR A 52 -4.07 -12.42 -6.13
C THR A 52 -3.53 -13.15 -4.91
N THR A 53 -3.60 -12.48 -3.75
CA THR A 53 -3.14 -13.09 -2.52
C THR A 53 -4.00 -14.31 -2.19
N MET A 54 -5.32 -14.19 -2.33
CA MET A 54 -6.21 -15.33 -2.06
C MET A 54 -5.86 -16.52 -2.97
N LYS A 55 -5.59 -16.19 -4.24
CA LYS A 55 -5.21 -17.19 -5.23
C LYS A 55 -3.92 -17.89 -4.81
N LEU A 56 -2.92 -17.09 -4.45
CA LEU A 56 -1.65 -17.64 -4.01
C LEU A 56 -1.85 -18.58 -2.82
N LEU A 57 -2.59 -18.10 -1.82
CA LEU A 57 -2.85 -18.90 -0.62
C LEU A 57 -3.50 -20.23 -0.98
N THR A 58 -4.49 -20.18 -1.87
CA THR A 58 -5.19 -21.38 -2.32
C THR A 58 -4.23 -22.35 -3.00
N GLN A 59 -3.30 -21.80 -3.78
CA GLN A 59 -2.29 -22.62 -4.45
C GLN A 59 -1.35 -23.36 -3.50
N LEU A 60 -1.29 -22.91 -2.26
CA LEU A 60 -0.44 -23.53 -1.24
C LEU A 60 -1.25 -24.59 -0.49
N GLY A 61 -2.55 -24.65 -0.74
CA GLY A 61 -3.37 -25.63 -0.04
C GLY A 61 -4.16 -25.00 1.09
N THR A 62 -4.14 -23.67 1.17
CA THR A 62 -4.89 -22.93 2.19
C THR A 62 -6.36 -22.89 1.77
N LYS A 63 -7.26 -23.01 2.75
CA LYS A 63 -8.69 -22.92 2.48
C LYS A 63 -9.05 -21.45 2.69
N VAL A 64 -9.61 -20.82 1.67
CA VAL A 64 -9.95 -19.40 1.74
C VAL A 64 -11.39 -19.08 1.35
N GLU A 65 -12.03 -18.21 2.13
CA GLU A 65 -13.40 -17.74 1.86
C GLU A 65 -13.44 -16.24 2.15
N ARG A 66 -14.30 -15.51 1.47
CA ARG A 66 -14.46 -14.07 1.70
C ARG A 66 -15.88 -13.62 1.41
N IAS A 67 -16.19 -12.42 1.89
CA IAS A 67 -17.50 -11.81 1.65
C IAS A 67 -17.50 -11.07 0.32
O IAS A 67 -18.53 -10.41 0.00
CB IAS A 67 -17.97 -10.94 2.81
CG IAS A 67 -17.01 -9.80 3.09
OD1 IAS A 67 -16.05 -9.60 2.35
OXT IAS A 67 -16.47 -11.15 -0.39
N GLY A 68 -17.26 -9.03 4.15
CA GLY A 68 -16.29 -8.02 4.56
C GLY A 68 -15.00 -8.62 5.08
N SER A 69 -15.09 -9.89 5.49
CA SER A 69 -13.93 -10.63 6.01
C SER A 69 -13.36 -11.62 5.02
N VAL A 70 -12.16 -12.07 5.33
CA VAL A 70 -11.52 -13.14 4.58
C VAL A 70 -11.28 -14.20 5.66
N TRP A 71 -11.78 -15.42 5.44
CA TRP A 71 -11.63 -16.54 6.35
C TRP A 71 -10.50 -17.42 5.84
N ILE A 72 -9.55 -17.75 6.72
CA ILE A 72 -8.40 -18.55 6.34
C ILE A 72 -8.25 -19.79 7.19
N ASP A 73 -8.01 -20.93 6.54
CA ASP A 73 -7.78 -22.19 7.23
C ASP A 73 -6.50 -22.77 6.65
N ALA A 74 -5.36 -22.57 7.32
CA ALA A 74 -4.06 -23.07 6.82
C ALA A 74 -3.62 -24.36 7.50
N SER A 75 -4.59 -25.16 7.93
CA SER A 75 -4.27 -26.42 8.60
C SER A 75 -3.75 -27.51 7.67
N ASN A 76 -3.99 -27.34 6.37
CA ASN A 76 -3.59 -28.32 5.37
C ASN A 76 -2.69 -27.85 4.22
N VAL A 77 -1.76 -26.94 4.52
CA VAL A 77 -0.85 -26.45 3.50
C VAL A 77 -0.11 -27.64 2.92
N ASN A 78 -0.16 -27.79 1.60
CA ASN A 78 0.42 -28.95 0.93
C ASN A 78 1.31 -28.66 -0.27
N ASN A 79 1.56 -27.38 -0.51
CA ASN A 79 2.36 -26.94 -1.65
C ASN A 79 3.13 -25.72 -1.13
N PHE A 80 4.36 -25.54 -1.60
CA PHE A 80 5.21 -24.50 -1.04
C PHE A 80 5.80 -23.47 -1.97
N SER A 81 5.23 -23.34 -3.16
CA SER A 81 5.73 -22.42 -4.16
C SER A 81 4.77 -21.34 -4.70
N ALA A 82 5.31 -20.15 -4.98
CA ALA A 82 4.53 -19.04 -5.56
C ALA A 82 5.11 -18.96 -6.96
N PRO A 83 4.29 -19.30 -7.97
CA PRO A 83 4.72 -19.30 -9.38
C PRO A 83 4.99 -17.94 -10.04
N TYR A 84 5.82 -17.98 -11.07
CA TYR A 84 6.19 -16.81 -11.86
C TYR A 84 5.00 -15.94 -12.24
N ASP A 85 4.00 -16.56 -12.85
CA ASP A 85 2.80 -15.84 -13.28
C ASP A 85 2.11 -14.99 -12.22
N LEU A 86 2.13 -15.46 -10.99
CA LEU A 86 1.52 -14.74 -9.87
C LEU A 86 2.39 -13.62 -9.32
N VAL A 87 3.65 -13.93 -9.09
CA VAL A 87 4.62 -12.96 -8.58
C VAL A 87 4.71 -11.79 -9.56
N LYS A 88 4.64 -12.10 -10.85
CA LYS A 88 4.72 -11.03 -11.84
C LYS A 88 3.60 -10.00 -11.72
N THR A 89 2.46 -10.41 -11.17
CA THR A 89 1.35 -9.48 -11.06
C THR A 89 1.31 -8.84 -9.68
N MET A 90 2.12 -9.36 -8.76
CA MET A 90 2.15 -8.83 -7.40
C MET A 90 3.46 -9.11 -6.65
N ARG A 91 4.33 -8.10 -6.56
CA ARG A 91 5.63 -8.25 -5.88
C ARG A 91 5.50 -8.75 -4.43
N ALA A 92 4.42 -8.35 -3.78
CA ALA A 92 4.18 -8.73 -2.37
C ALA A 92 4.14 -10.24 -2.18
N SER A 93 4.06 -10.98 -3.29
CA SER A 93 4.08 -12.43 -3.23
C SER A 93 5.29 -12.93 -2.44
N ILE A 94 6.34 -12.11 -2.41
CA ILE A 94 7.58 -12.46 -1.70
C ILE A 94 7.29 -12.77 -0.23
N TRP A 95 6.21 -12.19 0.31
CA TRP A 95 5.83 -12.43 1.70
C TRP A 95 5.47 -13.89 2.05
N ALA A 96 5.26 -14.74 1.05
CA ALA A 96 4.94 -16.13 1.36
C ALA A 96 6.20 -16.86 1.83
N LEU A 97 7.36 -16.35 1.41
CA LEU A 97 8.63 -16.98 1.73
C LEU A 97 8.94 -17.24 3.20
N GLY A 98 8.91 -16.18 4.00
CA GLY A 98 9.19 -16.28 5.41
C GLY A 98 8.26 -17.21 6.20
N PRO A 99 6.93 -17.05 6.05
CA PRO A 99 6.05 -17.93 6.81
C PRO A 99 6.21 -19.41 6.43
N LEU A 100 6.40 -19.66 5.14
CA LEU A 100 6.59 -21.04 4.69
C LEU A 100 7.83 -21.71 5.31
N VAL A 101 8.97 -21.04 5.25
CA VAL A 101 10.16 -21.65 5.80
C VAL A 101 10.09 -21.74 7.33
N ALA A 102 9.50 -20.73 7.97
CA ALA A 102 9.41 -20.71 9.44
C ALA A 102 8.52 -21.82 9.99
N ARG A 103 7.42 -22.10 9.29
CA ARG A 103 6.49 -23.13 9.74
C ARG A 103 6.72 -24.53 9.18
N PHE A 104 7.06 -24.57 7.90
CA PHE A 104 7.23 -25.83 7.17
C PHE A 104 8.64 -26.27 6.84
N GLY A 105 9.60 -25.38 7.04
CA GLY A 105 10.99 -25.72 6.75
C GLY A 105 11.38 -25.53 5.29
N GLN A 106 10.43 -25.08 4.48
CA GLN A 106 10.70 -24.89 3.05
C GLN A 106 9.75 -23.87 2.42
N GLY A 107 10.24 -23.17 1.40
CA GLY A 107 9.40 -22.23 0.70
C GLY A 107 10.10 -21.80 -0.56
N GLN A 108 9.33 -21.56 -1.63
CA GLN A 108 9.90 -21.13 -2.89
C GLN A 108 9.08 -20.00 -3.47
N VAL A 109 9.72 -18.92 -3.89
CA VAL A 109 8.96 -17.83 -4.51
C VAL A 109 9.72 -17.33 -5.72
N SER A 110 9.01 -17.14 -6.84
CA SER A 110 9.63 -16.61 -8.06
C SER A 110 10.30 -15.27 -7.70
N LEU A 111 11.55 -15.09 -8.08
CA LEU A 111 12.28 -13.84 -7.77
C LEU A 111 11.70 -12.69 -8.58
N PRO A 112 11.20 -11.63 -7.92
CA PRO A 112 10.64 -10.53 -8.71
C PRO A 112 11.64 -9.92 -9.69
N GLY A 113 11.16 -9.61 -10.90
CA GLY A 113 12.01 -9.00 -11.89
C GLY A 113 11.94 -7.47 -11.87
N GLY A 114 12.10 -6.86 -13.04
CA GLY A 114 12.10 -5.42 -13.13
C GLY A 114 10.76 -4.74 -12.90
N CYS A 115 10.83 -3.49 -12.48
CA CYS A 115 9.64 -2.67 -12.21
C CYS A 115 9.81 -1.22 -12.67
N ALA A 116 8.77 -0.66 -13.29
CA ALA A 116 8.87 0.70 -13.81
C ALA A 116 9.18 1.81 -12.83
N ILE A 117 8.74 1.70 -11.57
CA ILE A 117 9.00 2.80 -10.65
C ILE A 117 10.40 2.92 -10.10
N GLY A 118 11.23 1.92 -10.34
CA GLY A 118 12.60 1.98 -9.84
C GLY A 118 13.18 0.64 -9.44
N ALA A 119 14.37 0.66 -8.87
CA ALA A 119 15.00 -0.57 -8.41
C ALA A 119 14.30 -1.02 -7.13
N ARG A 120 13.81 -2.26 -7.13
CA ARG A 120 13.11 -2.83 -5.96
C ARG A 120 13.59 -4.24 -5.59
N PRO A 121 14.89 -4.41 -5.32
CA PRO A 121 15.38 -5.75 -4.97
C PRO A 121 14.81 -6.21 -3.64
N VAL A 122 14.96 -7.51 -3.36
CA VAL A 122 14.46 -8.09 -2.11
C VAL A 122 15.61 -8.68 -1.32
N ASP A 123 16.81 -8.13 -1.52
CA ASP A 123 18.04 -8.55 -0.83
C ASP A 123 17.89 -8.59 0.70
N LEU A 124 17.23 -7.58 1.24
CA LEU A 124 17.03 -7.49 2.68
C LEU A 124 16.16 -8.59 3.26
N HIS A 125 15.19 -9.05 2.46
CA HIS A 125 14.32 -10.15 2.88
C HIS A 125 15.16 -11.43 3.00
N ILE A 126 15.98 -11.64 1.98
CA ILE A 126 16.85 -12.80 1.88
C ILE A 126 17.89 -12.80 2.98
N PHE A 127 18.54 -11.65 3.15
CA PHE A 127 19.54 -11.43 4.20
C PHE A 127 18.89 -11.73 5.56
N GLY A 128 17.70 -11.18 5.79
CA GLY A 128 17.04 -11.40 7.06
C GLY A 128 16.79 -12.88 7.35
N LEU A 129 16.27 -13.59 6.34
CA LEU A 129 15.99 -15.02 6.49
C LEU A 129 17.27 -15.82 6.74
N GLU A 130 18.34 -15.41 6.07
CA GLU A 130 19.65 -16.07 6.24
C GLU A 130 20.15 -15.90 7.67
N LYS A 131 19.99 -14.68 8.20
CA LYS A 131 20.40 -14.40 9.57
C LYS A 131 19.63 -15.24 10.57
N LEU A 132 18.42 -15.63 10.18
CA LEU A 132 17.56 -16.49 10.99
C LEU A 132 17.88 -17.96 10.87
N GLY A 133 18.85 -18.28 10.01
CA GLY A 133 19.24 -19.67 9.85
C GLY A 133 18.79 -20.39 8.60
N ALA A 134 18.06 -19.71 7.71
CA ALA A 134 17.61 -20.34 6.48
C ALA A 134 18.71 -20.38 5.43
N GLU A 135 18.71 -21.46 4.65
CA GLU A 135 19.65 -21.62 3.55
C GLU A 135 18.87 -21.16 2.33
N ILE A 136 19.46 -20.28 1.54
CA ILE A 136 18.75 -19.79 0.37
C ILE A 136 19.53 -19.93 -0.91
N LYS A 137 18.88 -20.50 -1.92
CA LYS A 137 19.49 -20.67 -3.23
C LYS A 137 18.56 -20.16 -4.33
N LEU A 138 19.12 -19.91 -5.52
CA LEU A 138 18.35 -19.45 -6.66
C LEU A 138 18.34 -20.54 -7.73
N GLU A 139 17.17 -21.08 -8.04
CA GLU A 139 17.04 -22.14 -9.03
C GLU A 139 15.95 -21.84 -10.03
N GLU A 140 16.30 -21.75 -11.31
CA GLU A 140 15.33 -21.47 -12.36
C GLU A 140 14.51 -20.22 -12.14
N GLY A 141 15.11 -19.23 -11.48
CA GLY A 141 14.40 -18.00 -11.25
C GLY A 141 13.63 -18.00 -9.94
N TYR A 142 13.70 -19.10 -9.21
CA TYR A 142 13.02 -19.23 -7.92
C TYR A 142 13.94 -19.10 -6.73
N VAL A 143 13.57 -18.26 -5.77
CA VAL A 143 14.33 -18.11 -4.53
C VAL A 143 13.80 -19.26 -3.69
N LYS A 144 14.70 -20.17 -3.31
CA LYS A 144 14.34 -21.35 -2.53
C LYS A 144 14.95 -21.32 -1.13
N ALA A 145 14.09 -21.31 -0.11
CA ALA A 145 14.56 -21.26 1.27
C ALA A 145 14.30 -22.56 1.98
N SER A 146 15.19 -22.89 2.91
CA SER A 146 15.05 -24.13 3.67
C SER A 146 15.77 -24.05 5.00
N VAL A 147 15.33 -24.89 5.94
CA VAL A 147 15.94 -24.98 7.25
C VAL A 147 15.53 -26.34 7.81
N ASN A 148 16.47 -27.02 8.45
CA ASN A 148 16.19 -28.31 9.07
C ASN A 148 15.77 -28.00 10.51
N GLY A 149 14.47 -28.06 10.80
CA GLY A 149 14.01 -27.72 12.13
C GLY A 149 13.58 -26.26 12.20
N ARG A 150 13.65 -25.67 13.38
CA ARG A 150 13.26 -24.26 13.58
C ARG A 150 14.30 -23.23 13.19
N LEU A 151 13.84 -22.04 12.83
CA LEU A 151 14.75 -20.95 12.55
C LEU A 151 15.32 -20.60 13.92
N LYS A 152 16.35 -19.76 13.95
CA LYS A 152 16.97 -19.33 15.21
C LYS A 152 17.00 -17.83 15.34
N GLY A 153 16.49 -17.32 16.46
CA GLY A 153 16.47 -15.87 16.66
C GLY A 153 17.85 -15.23 16.52
N ALA A 154 17.88 -14.00 16.00
CA ALA A 154 19.13 -13.27 15.78
C ALA A 154 18.93 -11.77 15.92
N HIS A 155 20.03 -11.06 16.18
CA HIS A 155 20.02 -9.59 16.30
C HIS A 155 20.38 -9.09 14.90
N ILE A 156 19.43 -8.46 14.20
CA ILE A 156 19.66 -8.03 12.83
C ILE A 156 19.51 -6.53 12.67
N VAL A 157 20.53 -5.87 12.10
CA VAL A 157 20.44 -4.44 11.89
C VAL A 157 20.17 -4.22 10.40
N MET A 158 19.09 -3.50 10.08
CA MET A 158 18.71 -3.25 8.69
C MET A 158 19.49 -2.18 7.93
N ASP A 159 20.06 -2.53 6.78
CA ASP A 159 20.81 -1.58 5.95
C ASP A 159 19.99 -0.45 5.36
N LYS A 160 18.68 -0.70 5.22
CA LYS A 160 17.71 0.28 4.71
C LYS A 160 16.45 0.16 5.56
N VAL A 161 15.65 1.21 5.63
CA VAL A 161 14.38 1.11 6.35
C VAL A 161 13.50 0.46 5.28
N SER A 162 13.00 -0.74 5.58
CA SER A 162 12.21 -1.49 4.62
C SER A 162 10.94 -2.07 5.21
N VAL A 163 9.80 -1.62 4.69
CA VAL A 163 8.52 -2.15 5.14
C VAL A 163 8.51 -3.66 4.89
N GLY A 164 8.81 -4.05 3.65
CA GLY A 164 8.75 -5.45 3.30
C GLY A 164 9.69 -6.38 4.05
N ALA A 165 10.95 -5.99 4.23
CA ALA A 165 11.87 -6.90 4.92
C ALA A 165 11.54 -6.96 6.42
N THR A 166 11.07 -5.84 6.98
CA THR A 166 10.68 -5.84 8.38
C THR A 166 9.54 -6.86 8.58
N VAL A 167 8.56 -6.88 7.67
CA VAL A 167 7.44 -7.85 7.76
C VAL A 167 7.97 -9.28 7.60
N THR A 168 8.80 -9.50 6.59
CA THR A 168 9.35 -10.84 6.36
C THR A 168 10.06 -11.39 7.60
N ILE A 169 10.96 -10.58 8.17
CA ILE A 169 11.73 -11.01 9.33
C ILE A 169 10.87 -11.15 10.57
N MET A 170 10.04 -10.16 10.85
CA MET A 170 9.16 -10.21 12.01
C MET A 170 8.27 -11.45 12.02
N SER A 171 7.65 -11.71 10.88
CA SER A 171 6.75 -12.85 10.75
C SER A 171 7.42 -14.19 10.99
N ALA A 172 8.53 -14.40 10.29
CA ALA A 172 9.27 -15.64 10.39
C ALA A 172 9.83 -15.83 11.81
N ALA A 173 10.20 -14.72 12.46
CA ALA A 173 10.77 -14.78 13.80
C ALA A 173 9.81 -15.32 14.86
N THR A 174 8.50 -15.14 14.65
CA THR A 174 7.53 -15.61 15.62
C THR A 174 7.62 -17.10 15.96
N LEU A 175 8.17 -17.90 15.04
CA LEU A 175 8.32 -19.34 15.22
C LEU A 175 9.76 -19.81 15.38
N ALA A 176 10.70 -18.88 15.47
CA ALA A 176 12.12 -19.23 15.62
C ALA A 176 12.42 -19.58 17.06
N GLU A 177 13.55 -20.25 17.26
CA GLU A 177 14.00 -20.59 18.61
C GLU A 177 14.73 -19.37 19.13
N GLY A 178 14.29 -18.83 20.26
CA GLY A 178 14.96 -17.66 20.80
C GLY A 178 14.38 -16.30 20.48
N THR A 179 15.20 -15.29 20.69
CA THR A 179 14.79 -13.91 20.53
C THR A 179 15.41 -13.27 19.30
N THR A 180 14.60 -12.52 18.57
CA THR A 180 15.04 -11.81 17.39
C THR A 180 14.88 -10.32 17.65
N ILE A 181 15.89 -9.54 17.28
CA ILE A 181 15.78 -8.09 17.41
C ILE A 181 15.97 -7.51 16.01
N ILE A 182 15.01 -6.69 15.57
CA ILE A 182 15.12 -6.05 14.27
C ILE A 182 15.43 -4.58 14.56
N GLU A 183 16.69 -4.20 14.36
CA GLU A 183 17.12 -2.81 14.56
C GLU A 183 17.04 -2.01 13.27
N ASN A 184 16.49 -0.81 13.34
CA ASN A 184 16.29 0.02 12.14
C ASN A 184 15.08 -0.54 11.38
N ALA A 185 14.10 -1.01 12.14
CA ALA A 185 12.87 -1.56 11.59
C ALA A 185 12.00 -0.44 11.02
N ALA A 186 11.19 -0.76 10.00
CA ALA A 186 10.24 0.22 9.44
C ALA A 186 9.15 0.40 10.51
N ARG A 187 8.59 1.60 10.58
CA ARG A 187 7.61 1.99 11.60
C ARG A 187 6.17 2.17 11.14
N GLU A 188 5.93 1.89 9.86
CA GLU A 188 4.62 2.00 9.23
C GLU A 188 3.48 1.43 10.07
N PRO A 189 2.31 2.06 10.03
CA PRO A 189 1.14 1.61 10.79
C PRO A 189 0.78 0.17 10.42
N GLU A 190 1.08 -0.19 9.19
CA GLU A 190 0.80 -1.55 8.73
C GLU A 190 1.66 -2.60 9.45
N ILE A 191 2.85 -2.17 9.88
CA ILE A 191 3.79 -3.03 10.61
C ILE A 191 3.21 -3.28 12.01
N VAL A 192 2.68 -2.22 12.61
CA VAL A 192 2.07 -2.32 13.93
C VAL A 192 0.86 -3.25 13.84
N ASP A 193 0.06 -3.09 12.78
CA ASP A 193 -1.13 -3.91 12.55
C ASP A 193 -0.78 -5.39 12.40
N THR A 194 0.23 -5.68 11.58
CA THR A 194 0.65 -7.06 11.37
C THR A 194 1.19 -7.67 12.67
N ALA A 195 1.94 -6.88 13.44
CA ALA A 195 2.50 -7.37 14.71
C ALA A 195 1.37 -7.68 15.68
N ASN A 196 0.38 -6.80 15.73
CA ASN A 196 -0.76 -6.99 16.62
C ASN A 196 -1.57 -8.25 16.26
N PHE A 197 -1.65 -8.50 14.96
CA PHE A 197 -2.32 -9.68 14.44
C PHE A 197 -1.58 -10.92 14.92
N LEU A 198 -0.25 -10.90 14.74
CA LEU A 198 0.60 -12.00 15.19
C LEU A 198 0.41 -12.29 16.68
N VAL A 199 0.44 -11.21 17.47
CA VAL A 199 0.27 -11.31 18.90
C VAL A 199 -1.11 -11.89 19.25
N ALA A 200 -2.14 -11.52 18.50
CA ALA A 200 -3.48 -12.06 18.75
C ALA A 200 -3.46 -13.59 18.55
N LEU A 201 -2.55 -14.08 17.70
CA LEU A 201 -2.41 -15.52 17.45
C LEU A 201 -1.57 -16.25 18.49
N GLY A 202 -0.93 -15.47 19.37
CA GLY A 202 -0.08 -16.07 20.40
C GLY A 202 1.40 -15.70 20.28
N ALA A 203 1.75 -14.84 19.34
CA ALA A 203 3.15 -14.44 19.19
C ALA A 203 3.55 -13.50 20.32
N LYS A 204 4.86 -13.37 20.54
CA LYS A 204 5.43 -12.48 21.56
C LYS A 204 6.23 -11.38 20.85
N ILE A 205 5.65 -10.20 20.69
CA ILE A 205 6.31 -9.10 19.98
C ILE A 205 6.16 -7.80 20.75
N SER A 206 7.20 -6.98 20.76
CA SER A 206 7.15 -5.69 21.43
C SER A 206 7.99 -4.71 20.62
N GLY A 207 7.73 -3.42 20.75
CA GLY A 207 8.51 -2.45 19.99
C GLY A 207 7.95 -2.13 18.61
N GLN A 208 6.88 -2.81 18.19
CA GLN A 208 6.27 -2.55 16.89
C GLN A 208 5.87 -1.08 16.84
N GLY A 209 6.21 -0.41 15.75
CA GLY A 209 5.89 1.00 15.64
C GLY A 209 7.10 1.86 15.98
N THR A 210 8.14 1.22 16.53
CA THR A 210 9.39 1.92 16.83
C THR A 210 10.51 1.35 15.93
N ASP A 211 11.68 1.97 16.00
CA ASP A 211 12.79 1.50 15.17
C ASP A 211 13.46 0.21 15.63
N ARG A 212 12.95 -0.37 16.71
CA ARG A 212 13.50 -1.59 17.27
C ARG A 212 12.39 -2.57 17.70
N ILE A 213 12.26 -3.68 16.96
CA ILE A 213 11.25 -4.69 17.26
C ILE A 213 11.90 -5.91 17.87
N THR A 214 11.33 -6.42 18.95
CA THR A 214 11.84 -7.60 19.61
C THR A 214 10.79 -8.71 19.53
N ILE A 215 11.21 -9.88 19.05
CA ILE A 215 10.31 -11.04 18.93
C ILE A 215 10.89 -12.22 19.71
N GLU A 216 10.05 -12.82 20.56
CA GLU A 216 10.46 -14.03 21.29
C GLU A 216 9.67 -15.17 20.64
N GLY A 217 10.38 -16.07 19.96
CA GLY A 217 9.73 -17.17 19.27
C GLY A 217 8.94 -18.12 20.15
N VAL A 218 7.85 -18.65 19.60
CA VAL A 218 7.00 -19.61 20.29
C VAL A 218 6.89 -20.88 19.45
N GLU A 219 6.36 -21.95 20.03
CA GLU A 219 6.26 -23.19 19.27
C GLU A 219 5.23 -23.21 18.18
N ARG A 220 4.10 -22.57 18.43
CA ARG A 220 3.02 -22.52 17.47
C ARG A 220 2.12 -21.31 17.62
N LEU A 221 1.46 -20.96 16.54
CA LEU A 221 0.49 -19.87 16.53
C LEU A 221 -0.88 -20.51 16.35
N GLY A 222 -1.90 -19.99 17.03
CA GLY A 222 -3.23 -20.57 16.91
C GLY A 222 -4.10 -19.89 15.87
N GLY A 223 -5.31 -19.51 16.27
CA GLY A 223 -6.23 -18.83 15.37
C GLY A 223 -6.86 -17.64 16.06
N GLY A 224 -7.86 -17.02 15.44
CA GLY A 224 -8.51 -15.87 16.05
C GLY A 224 -9.19 -14.96 15.04
N VAL A 225 -9.68 -13.82 15.53
CA VAL A 225 -10.38 -12.84 14.71
C VAL A 225 -9.62 -11.53 14.85
N TYR A 226 -9.37 -10.85 13.73
CA TYR A 226 -8.61 -9.60 13.76
C TYR A 226 -9.15 -8.59 12.73
N ARG A 227 -9.36 -7.35 13.15
CA ARG A 227 -9.85 -6.30 12.24
C ARG A 227 -8.71 -5.41 11.70
N VAL A 228 -8.57 -5.36 10.39
CA VAL A 228 -7.53 -4.57 9.72
C VAL A 228 -7.79 -3.07 9.91
N LEU A 229 -6.75 -2.29 10.17
CA LEU A 229 -6.89 -0.86 10.37
C LEU A 229 -7.31 -0.15 9.07
N PRO A 230 -7.79 1.10 9.17
CA PRO A 230 -8.20 1.84 7.96
C PRO A 230 -7.06 2.15 7.00
N ASP A 231 -7.40 2.22 5.71
CA ASP A 231 -6.43 2.54 4.66
C ASP A 231 -6.03 4.04 4.66
N ARG A 232 -4.83 4.37 5.15
CA ARG A 232 -4.35 5.76 5.18
C ARG A 232 -4.17 6.39 3.80
N ILE A 233 -3.76 5.58 2.83
CA ILE A 233 -3.55 6.10 1.48
C ILE A 233 -4.88 6.37 0.80
N GLU A 234 -5.85 5.47 0.97
CA GLU A 234 -7.17 5.71 0.40
C GLU A 234 -7.73 7.00 1.02
N THR A 235 -7.52 7.14 2.33
CA THR A 235 -8.01 8.33 3.04
C THR A 235 -7.35 9.58 2.48
N GLY A 236 -6.02 9.55 2.36
CA GLY A 236 -5.31 10.70 1.83
C GLY A 236 -5.76 11.03 0.40
N THR A 237 -6.00 10.01 -0.40
CA THR A 237 -6.42 10.22 -1.78
C THR A 237 -7.77 10.93 -1.85
N PHE A 238 -8.72 10.52 -1.01
CA PHE A 238 -10.02 11.19 -0.98
C PHE A 238 -9.94 12.62 -0.44
N LEU A 239 -9.09 12.81 0.55
CA LEU A 239 -8.90 14.15 1.12
C LEU A 239 -8.35 15.08 0.04
N VAL A 240 -7.39 14.57 -0.73
CA VAL A 240 -6.82 15.36 -1.81
C VAL A 240 -7.89 15.65 -2.86
N ALA A 241 -8.74 14.66 -3.16
CA ALA A 241 -9.77 14.85 -4.18
C ALA A 241 -10.64 16.05 -3.82
N ALA A 242 -10.99 16.19 -2.55
CA ALA A 242 -11.79 17.34 -2.11
C ALA A 242 -10.95 18.60 -2.16
N ALA A 243 -9.71 18.52 -1.70
CA ALA A 243 -8.81 19.68 -1.65
C ALA A 243 -8.50 20.29 -3.01
N ILE A 244 -8.53 19.48 -4.07
CA ILE A 244 -8.22 20.03 -5.39
C ILE A 244 -9.44 20.42 -6.18
N SER A 245 -10.62 20.15 -5.63
CA SER A 245 -11.88 20.45 -6.30
C SER A 245 -12.72 21.52 -5.63
N GLY A 246 -12.14 22.21 -4.65
CA GLY A 246 -12.88 23.24 -3.94
C GLY A 246 -13.98 22.62 -3.07
N GLY A 247 -13.90 21.31 -2.88
CA GLY A 247 -14.91 20.56 -2.15
C GLY A 247 -14.91 20.46 -0.63
N LYS A 248 -15.78 19.57 -0.15
CA LYS A 248 -16.02 19.35 1.27
C LYS A 248 -16.38 17.88 1.50
N ILE A 249 -15.62 17.19 2.32
CA ILE A 249 -15.89 15.78 2.54
C ILE A 249 -15.68 15.34 3.98
N VAL A 250 -16.29 14.21 4.34
CA VAL A 250 -16.05 13.62 5.63
C VAL A 250 -15.66 12.18 5.35
N CYS A 251 -14.54 11.74 5.93
CA CYS A 251 -14.06 10.37 5.78
C CYS A 251 -14.47 9.61 7.04
N ARG A 252 -15.23 8.53 6.87
CA ARG A 252 -15.72 7.70 7.98
C ARG A 252 -14.82 6.46 8.10
N ASN A 253 -14.79 5.83 9.28
CA ASN A 253 -13.94 4.64 9.47
C ASN A 253 -12.47 4.98 9.24
N ALA A 254 -12.07 6.18 9.65
CA ALA A 254 -10.69 6.65 9.46
C ALA A 254 -9.87 6.55 10.75
N GLN A 255 -8.55 6.68 10.60
CA GLN A 255 -7.61 6.66 11.74
C GLN A 255 -6.67 7.86 11.55
N PRO A 256 -7.09 9.06 11.99
CA PRO A 256 -6.33 10.30 11.88
C PRO A 256 -4.84 10.23 12.21
N ASP A 257 -4.50 9.51 13.26
CA ASP A 257 -3.12 9.39 13.70
C ASP A 257 -2.11 8.74 12.76
N THR A 258 -2.61 8.14 11.67
CA THR A 258 -1.75 7.49 10.68
C THR A 258 -1.44 8.44 9.53
N LEU A 259 -2.02 9.64 9.60
CA LEU A 259 -1.93 10.66 8.55
C LEU A 259 -1.41 12.03 8.92
N ASP A 260 -0.70 12.16 10.02
CA ASP A 260 -0.23 13.48 10.41
C ASP A 260 0.47 14.35 9.38
N ALA A 261 1.43 13.76 8.67
CA ALA A 261 2.16 14.54 7.68
C ALA A 261 1.28 15.03 6.55
N VAL A 262 0.40 14.16 6.07
CA VAL A 262 -0.52 14.48 4.98
C VAL A 262 -1.49 15.58 5.43
N LEU A 263 -2.03 15.43 6.63
CA LEU A 263 -2.96 16.44 7.14
C LEU A 263 -2.31 17.81 7.27
N ALA A 264 -1.07 17.83 7.74
CA ALA A 264 -0.35 19.08 7.92
C ALA A 264 -0.09 19.74 6.58
N LYS A 265 0.25 18.92 5.57
CA LYS A 265 0.49 19.44 4.23
C LYS A 265 -0.80 19.98 3.61
N LEU A 266 -1.92 19.32 3.90
CA LEU A 266 -3.22 19.78 3.40
C LEU A 266 -3.58 21.13 4.02
N ARG A 267 -3.27 21.28 5.30
CA ARG A 267 -3.51 22.56 5.97
C ARG A 267 -2.67 23.66 5.34
N GLU A 268 -1.43 23.33 5.00
CA GLU A 268 -0.53 24.27 4.35
C GLU A 268 -1.08 24.70 2.98
N ALA A 269 -1.79 23.77 2.34
CA ALA A 269 -2.39 24.03 1.03
C ALA A 269 -3.65 24.87 1.17
N GLY A 270 -4.10 25.08 2.42
CA GLY A 270 -5.27 25.91 2.68
C GLY A 270 -6.55 25.20 3.14
N ALA A 271 -6.47 23.90 3.40
CA ALA A 271 -7.65 23.14 3.82
C ALA A 271 -8.05 23.36 5.26
N ASP A 272 -9.36 23.36 5.49
CA ASP A 272 -10.00 23.51 6.80
C ASP A 272 -10.29 22.08 7.25
N ILE A 273 -9.46 21.56 8.14
CA ILE A 273 -9.58 20.17 8.59
C ILE A 273 -9.95 19.97 10.07
N GLU A 274 -10.86 19.04 10.31
CA GLU A 274 -11.23 18.67 11.68
C GLU A 274 -11.10 17.16 11.77
N THR A 275 -10.81 16.65 12.96
CA THR A 275 -10.72 15.21 13.13
C THR A 275 -11.42 14.76 14.40
N GLY A 276 -11.87 13.51 14.37
CA GLY A 276 -12.52 12.90 15.51
C GLY A 276 -11.78 11.60 15.75
N GLU A 277 -12.34 10.74 16.59
CA GLU A 277 -11.71 9.46 16.88
C GLU A 277 -11.53 8.57 15.66
N ASP A 278 -12.55 8.58 14.80
CA ASP A 278 -12.61 7.73 13.63
C ASP A 278 -13.09 8.46 12.39
N TRP A 279 -12.83 9.75 12.32
CA TRP A 279 -13.29 10.54 11.19
C TRP A 279 -12.40 11.74 10.91
N ILE A 280 -12.43 12.19 9.66
CA ILE A 280 -11.65 13.37 9.27
C ILE A 280 -12.55 14.16 8.34
N SER A 281 -12.67 15.47 8.57
CA SER A 281 -13.44 16.34 7.69
C SER A 281 -12.50 17.34 7.00
N LEU A 282 -12.81 17.68 5.75
CA LEU A 282 -12.01 18.63 4.99
C LEU A 282 -12.93 19.55 4.20
N ASP A 283 -12.71 20.84 4.34
CA ASP A 283 -13.49 21.85 3.58
C ASP A 283 -12.53 22.85 2.93
N MET A 284 -12.59 22.97 1.60
CA MET A 284 -11.75 23.94 0.88
C MET A 284 -12.43 25.30 0.79
N HIS A 285 -13.73 25.33 1.10
CA HIS A 285 -14.47 26.59 1.03
C HIS A 285 -14.41 27.16 -0.38
N GLY A 286 -14.39 26.28 -1.38
CA GLY A 286 -14.36 26.69 -2.77
C GLY A 286 -13.08 27.33 -3.26
N LYS A 287 -12.03 27.25 -2.47
CA LYS A 287 -10.73 27.85 -2.81
C LYS A 287 -9.77 26.96 -3.56
N ARG A 288 -8.95 27.58 -4.41
CA ARG A 288 -7.89 26.85 -5.14
C ARG A 288 -6.81 26.53 -4.12
N PRO A 289 -6.15 25.35 -4.22
CA PRO A 289 -5.10 25.11 -3.21
C PRO A 289 -3.86 25.97 -3.36
N LYS A 290 -3.10 26.10 -2.27
CA LYS A 290 -1.84 26.86 -2.30
C LYS A 290 -0.72 25.81 -2.47
N ALA A 291 0.28 26.08 -3.29
CA ALA A 291 1.36 25.12 -3.48
C ALA A 291 2.12 24.79 -2.20
N VAL A 292 2.56 23.55 -2.07
CA VAL A 292 3.30 23.11 -0.88
C VAL A 292 4.58 22.39 -1.29
N THR A 293 5.47 22.20 -0.33
CA THR A 293 6.73 21.49 -0.60
C THR A 293 6.66 20.21 0.21
N VAL A 294 7.04 19.11 -0.43
CA VAL A 294 6.92 17.80 0.18
C VAL A 294 8.17 16.98 -0.03
N ARG A 295 8.50 16.14 0.96
CA ARG A 295 9.64 15.23 0.89
C ARG A 295 9.17 13.85 1.38
N THR A 296 9.19 12.85 0.50
CA THR A 296 8.74 11.52 0.94
C THR A 296 9.86 10.88 1.74
N ALA A 297 9.46 10.03 2.69
CA ALA A 297 10.43 9.36 3.53
C ALA A 297 9.66 8.32 4.35
N PRO A 298 10.36 7.46 5.10
CA PRO A 298 9.63 6.46 5.89
C PRO A 298 8.67 7.05 6.92
N HIS A 299 7.61 6.30 7.21
CA HIS A 299 6.62 6.74 8.21
C HIS A 299 7.37 7.15 9.49
N PRO A 300 6.95 8.20 10.20
CA PRO A 300 5.75 8.97 9.98
C PRO A 300 5.92 10.25 9.11
N ALA A 301 6.96 10.30 8.31
CA ALA A 301 7.15 11.38 7.35
C ALA A 301 6.10 11.20 6.26
N PHE A 302 6.06 12.16 5.34
CA PHE A 302 5.16 12.16 4.19
C PHE A 302 5.38 10.87 3.38
N PRO A 303 4.30 10.08 3.11
CA PRO A 303 4.48 8.83 2.36
C PRO A 303 4.57 8.87 0.83
N THR A 304 5.45 8.05 0.27
CA THR A 304 5.61 8.01 -1.17
C THR A 304 4.27 7.62 -1.84
N ASP A 305 3.45 6.82 -1.13
CA ASP A 305 2.13 6.46 -1.67
C ASP A 305 1.15 7.64 -1.86
N MET A 306 1.51 8.81 -1.31
CA MET A 306 0.69 10.03 -1.45
C MET A 306 1.33 11.04 -2.42
N GLN A 307 2.53 10.69 -2.88
CA GLN A 307 3.32 11.54 -3.75
C GLN A 307 2.68 12.05 -5.02
N ALA A 308 2.14 11.13 -5.82
CA ALA A 308 1.54 11.52 -7.09
C ALA A 308 0.34 12.42 -6.87
N GLN A 309 -0.43 12.09 -5.85
CA GLN A 309 -1.62 12.83 -5.45
C GLN A 309 -1.30 14.27 -5.11
N PHE A 310 -0.22 14.46 -4.36
CA PHE A 310 0.23 15.81 -4.02
C PHE A 310 0.85 16.52 -5.21
N THR A 311 1.46 15.75 -6.11
CA THR A 311 2.02 16.36 -7.32
C THR A 311 0.83 16.99 -8.06
N LEU A 312 -0.27 16.24 -8.16
CA LEU A 312 -1.48 16.77 -8.81
C LEU A 312 -1.94 18.04 -8.12
N LEU A 313 -2.02 18.00 -6.79
CA LEU A 313 -2.43 19.18 -6.02
C LEU A 313 -1.59 20.40 -6.41
N ASN A 314 -0.27 20.23 -6.40
CA ASN A 314 0.66 21.31 -6.77
C ASN A 314 0.44 21.80 -8.19
N LEU A 315 0.18 20.86 -9.09
CA LEU A 315 -0.05 21.21 -10.49
C LEU A 315 -1.27 22.12 -10.76
N VAL A 316 -2.22 22.16 -9.84
CA VAL A 316 -3.40 23.04 -10.01
C VAL A 316 -3.44 24.09 -8.88
N ALA A 317 -2.34 24.20 -8.15
CA ALA A 317 -2.26 25.12 -7.02
C ALA A 317 -1.71 26.47 -7.42
N GLU A 318 -1.83 27.45 -6.51
CA GLU A 318 -1.26 28.75 -6.77
C GLU A 318 0.19 28.74 -6.25
N GLY A 319 1.16 28.98 -7.12
CA GLY A 319 2.55 28.98 -6.70
C GLY A 319 3.41 27.86 -7.24
N THR A 320 4.69 27.85 -6.83
CA THR A 320 5.64 26.83 -7.27
C THR A 320 5.78 25.81 -6.16
N GLY A 321 5.35 24.59 -6.43
CA GLY A 321 5.45 23.55 -5.43
C GLY A 321 6.62 22.66 -5.77
N VAL A 322 7.26 22.09 -4.75
CA VAL A 322 8.40 21.23 -5.01
C VAL A 322 8.19 19.91 -4.31
N ILE A 323 8.37 18.81 -5.04
CA ILE A 323 8.21 17.49 -4.47
C ILE A 323 9.45 16.65 -4.69
N THR A 324 10.01 16.14 -3.59
CA THR A 324 11.21 15.32 -3.64
C THR A 324 10.89 13.92 -3.18
N GLU A 325 11.30 12.95 -3.98
CA GLU A 325 11.04 11.56 -3.69
C GLU A 325 12.32 10.87 -3.19
N THR A 326 12.31 10.34 -1.98
CA THR A 326 13.52 9.68 -1.47
C THR A 326 13.39 8.15 -1.35
N ILE A 327 12.20 7.63 -1.63
CA ILE A 327 11.95 6.19 -1.51
C ILE A 327 12.10 5.47 -2.86
N PHE A 328 11.31 5.91 -3.84
CA PHE A 328 11.32 5.34 -5.19
C PHE A 328 11.76 6.46 -6.15
N GLU A 329 13.06 6.57 -6.36
CA GLU A 329 13.64 7.60 -7.21
C GLU A 329 13.12 7.94 -8.62
N ASN A 330 12.52 6.95 -9.26
CA ASN A 330 11.96 7.07 -10.60
C ASN A 330 10.42 7.06 -10.62
N ARG A 331 9.80 7.29 -9.46
CA ARG A 331 8.34 7.28 -9.36
C ARG A 331 7.67 8.57 -9.87
N PHE A 332 7.93 8.92 -11.11
CA PHE A 332 7.41 10.17 -11.70
C PHE A 332 6.64 10.04 -13.01
N MET A 333 6.24 8.82 -13.36
CA MET A 333 5.51 8.61 -14.61
C MET A 333 4.22 9.43 -14.77
N HIS A 334 3.57 9.71 -13.64
CA HIS A 334 2.37 10.51 -13.63
C HIS A 334 2.60 11.92 -14.15
N VAL A 335 3.82 12.45 -13.98
CA VAL A 335 4.09 13.82 -14.38
C VAL A 335 3.86 14.09 -15.86
N PRO A 336 4.49 13.31 -16.76
CA PRO A 336 4.24 13.59 -18.18
C PRO A 336 2.77 13.35 -18.58
N GLU A 337 2.08 12.46 -17.89
CA GLU A 337 0.66 12.20 -18.16
C GLU A 337 -0.14 13.46 -17.83
N LEU A 338 0.16 14.06 -16.67
CA LEU A 338 -0.52 15.28 -16.24
C LEU A 338 -0.20 16.45 -17.17
N ILE A 339 1.02 16.46 -17.67
CA ILE A 339 1.45 17.51 -18.60
C ILE A 339 0.63 17.39 -19.89
N ARG A 340 0.22 16.18 -20.26
CA ARG A 340 -0.65 15.99 -21.44
C ARG A 340 -1.98 16.73 -21.21
N MET A 341 -2.36 16.88 -19.94
CA MET A 341 -3.58 17.56 -19.53
C MET A 341 -3.40 19.07 -19.29
N GLY A 342 -2.23 19.61 -19.65
CA GLY A 342 -2.01 21.04 -19.48
C GLY A 342 -1.16 21.46 -18.30
N ALA A 343 -0.68 20.52 -17.49
CA ALA A 343 0.16 20.88 -16.37
C ALA A 343 1.57 21.29 -16.82
N HIS A 344 2.29 21.96 -15.93
CA HIS A 344 3.65 22.44 -16.18
C HIS A 344 4.60 22.02 -15.07
N ALA A 345 5.65 21.29 -15.41
CA ALA A 345 6.59 20.84 -14.38
C ALA A 345 7.86 20.33 -15.02
N GLU A 346 8.94 20.34 -14.24
CA GLU A 346 10.23 19.82 -14.68
C GLU A 346 10.71 18.81 -13.65
N ILE A 347 11.35 17.76 -14.12
CA ILE A 347 11.90 16.73 -13.23
C ILE A 347 13.41 16.86 -13.27
N GLU A 348 14.02 17.09 -12.11
CA GLU A 348 15.47 17.21 -11.95
C GLU A 348 15.86 16.17 -10.92
N SER A 349 16.57 15.14 -11.36
CA SER A 349 16.93 14.09 -10.42
C SER A 349 15.66 13.50 -9.80
N ASN A 350 15.62 13.46 -8.46
CA ASN A 350 14.48 12.93 -7.70
C ASN A 350 13.49 14.00 -7.26
N THR A 351 13.52 15.15 -7.92
CA THR A 351 12.63 16.24 -7.52
C THR A 351 11.83 16.78 -8.68
N VAL A 352 10.54 17.06 -8.43
CA VAL A 352 9.72 17.69 -9.46
C VAL A 352 9.38 19.10 -9.04
N ILE A 353 9.61 20.04 -9.95
CA ILE A 353 9.33 21.44 -9.72
C ILE A 353 8.02 21.74 -10.45
N CYS A 354 6.99 22.07 -9.69
CA CYS A 354 5.63 22.31 -10.20
C CYS A 354 5.29 23.77 -10.38
N HIS A 355 4.62 24.07 -11.49
CA HIS A 355 4.19 25.44 -11.79
C HIS A 355 2.67 25.36 -11.92
N GLY A 356 1.95 25.58 -10.83
CA GLY A 356 0.49 25.46 -10.85
C GLY A 356 -0.27 26.25 -11.90
N VAL A 357 -1.26 25.61 -12.53
CA VAL A 357 -2.08 26.28 -13.54
C VAL A 357 -3.52 26.39 -13.06
N GLU A 358 -4.27 27.33 -13.62
CA GLU A 358 -5.66 27.50 -13.21
C GLU A 358 -6.60 26.37 -13.56
N LYS A 359 -6.32 25.70 -14.66
CA LYS A 359 -7.17 24.61 -15.10
C LYS A 359 -6.49 23.55 -15.96
N LEU A 360 -6.91 22.30 -15.80
CA LEU A 360 -6.41 21.19 -16.60
C LEU A 360 -7.44 20.96 -17.71
N SER A 361 -7.03 20.29 -18.77
CA SER A 361 -7.94 19.98 -19.89
C SER A 361 -8.01 18.47 -20.06
N GLY A 362 -9.18 17.96 -20.43
CA GLY A 362 -9.31 16.52 -20.61
C GLY A 362 -8.44 15.98 -21.74
N ALA A 363 -7.86 14.79 -21.52
CA ALA A 363 -7.02 14.16 -22.53
C ALA A 363 -6.96 12.68 -22.24
N GLN A 364 -6.38 11.94 -23.17
CA GLN A 364 -6.19 10.50 -23.01
C GLN A 364 -4.88 10.31 -22.24
N VAL A 365 -4.95 9.56 -21.14
CA VAL A 365 -3.77 9.29 -20.31
C VAL A 365 -3.69 7.83 -19.95
N MET A 366 -2.50 7.40 -19.52
CA MET A 366 -2.26 5.98 -19.21
C MET A 366 -1.87 5.66 -17.78
N ALA A 367 -2.62 4.78 -17.13
CA ALA A 367 -2.31 4.35 -15.75
C ALA A 367 -1.19 3.31 -15.78
N THR A 368 -0.28 3.36 -14.80
CA THR A 368 0.83 2.40 -14.75
C THR A 368 1.24 1.98 -13.33
N ASP A 369 0.73 2.70 -12.33
CA ASP A 369 1.09 2.52 -10.92
C ASP A 369 -0.18 2.33 -10.07
N LEU A 370 -0.28 1.20 -9.36
CA LEU A 370 -1.45 0.86 -8.52
C LEU A 370 -1.91 1.84 -7.44
N ARG A 371 -0.99 2.71 -7.00
CA ARG A 371 -1.29 3.75 -6.03
C ARG A 371 -1.22 5.13 -6.68
N ALA A 372 -0.12 5.41 -7.35
CA ALA A 372 0.09 6.72 -7.97
C ALA A 372 -0.92 7.10 -9.04
N SER A 373 -1.24 6.17 -9.92
CA SER A 373 -2.19 6.39 -11.02
C SER A 373 -3.64 6.85 -10.68
N ALA A 374 -4.01 6.74 -9.41
CA ALA A 374 -5.32 7.22 -9.01
C ALA A 374 -5.29 8.73 -9.27
N SER A 375 -4.08 9.29 -9.31
CA SER A 375 -3.92 10.72 -9.58
C SER A 375 -4.53 11.15 -10.91
N LEU A 376 -4.45 10.27 -11.88
CA LEU A 376 -5.01 10.55 -13.21
C LEU A 376 -6.53 10.61 -13.18
N VAL A 377 -7.13 9.75 -12.38
CA VAL A 377 -8.59 9.73 -12.26
C VAL A 377 -9.04 11.02 -11.55
N LEU A 378 -8.33 11.38 -10.48
CA LEU A 378 -8.63 12.61 -9.76
C LEU A 378 -8.52 13.82 -10.70
N ALA A 379 -7.45 13.84 -11.49
CA ALA A 379 -7.23 14.93 -12.46
C ALA A 379 -8.42 15.04 -13.42
N GLY A 380 -8.91 13.88 -13.87
CA GLY A 380 -10.05 13.87 -14.76
C GLY A 380 -11.27 14.49 -14.12
N CYS A 381 -11.41 14.34 -12.81
CA CYS A 381 -12.54 14.92 -12.09
C CYS A 381 -12.57 16.45 -12.10
N ILE A 382 -11.39 17.07 -12.13
CA ILE A 382 -11.33 18.53 -12.07
C ILE A 382 -10.96 19.19 -13.39
N ALA A 383 -10.61 18.39 -14.38
CA ALA A 383 -10.23 18.96 -15.68
C ALA A 383 -11.45 19.36 -16.50
N GLU A 384 -11.24 20.25 -17.46
CA GLU A 384 -12.30 20.70 -18.34
C GLU A 384 -12.49 19.71 -19.47
N GLY A 385 -13.66 19.11 -19.55
CA GLY A 385 -13.91 18.15 -20.62
C GLY A 385 -13.80 16.70 -20.23
N THR A 386 -13.51 15.89 -21.23
CA THR A 386 -13.44 14.44 -21.06
C THR A 386 -12.03 13.88 -20.98
N THR A 387 -11.78 13.11 -19.94
CA THR A 387 -10.49 12.47 -19.76
C THR A 387 -10.73 10.97 -19.84
N VAL A 388 -9.85 10.27 -20.55
CA VAL A 388 -9.96 8.82 -20.65
C VAL A 388 -8.70 8.25 -20.07
N VAL A 389 -8.86 7.46 -19.01
CA VAL A 389 -7.75 6.80 -18.35
C VAL A 389 -7.71 5.33 -18.75
N ASP A 390 -6.65 4.97 -19.48
CA ASP A 390 -6.43 3.61 -19.98
C ASP A 390 -5.73 2.74 -18.95
N ARG A 391 -5.87 1.42 -19.10
CA ARG A 391 -5.20 0.48 -18.19
C ARG A 391 -5.57 0.64 -16.73
N ILE A 392 -6.85 0.84 -16.45
CA ILE A 392 -7.26 1.03 -15.06
C ILE A 392 -7.16 -0.19 -14.17
N TYR A 393 -6.74 -1.32 -14.75
CA TYR A 393 -6.56 -2.51 -13.92
C TYR A 393 -5.56 -2.17 -12.80
N HIS A 394 -4.64 -1.26 -13.10
CA HIS A 394 -3.65 -0.82 -12.10
C HIS A 394 -4.35 -0.24 -10.87
N ILE A 395 -5.34 0.61 -11.12
CA ILE A 395 -6.09 1.23 -10.04
C ILE A 395 -6.90 0.17 -9.30
N ASP A 396 -7.45 -0.78 -10.05
CA ASP A 396 -8.22 -1.87 -9.43
C ASP A 396 -7.40 -2.70 -8.44
N ARG A 397 -6.09 -2.75 -8.66
CA ARG A 397 -5.22 -3.50 -7.74
C ARG A 397 -5.08 -2.81 -6.39
N GLY A 398 -5.18 -1.48 -6.38
CA GLY A 398 -4.98 -0.75 -5.14
C GLY A 398 -6.13 -0.03 -4.49
N TYR A 399 -7.26 0.08 -5.18
CA TYR A 399 -8.41 0.77 -4.61
C TYR A 399 -9.69 -0.01 -4.78
N GLU A 400 -10.53 -0.02 -3.74
CA GLU A 400 -11.82 -0.71 -3.79
C GLU A 400 -12.90 0.15 -4.47
N ARG A 401 -13.37 -0.27 -5.65
CA ARG A 401 -14.46 0.46 -6.34
C ARG A 401 -14.26 1.97 -6.30
N ILE A 402 -13.10 2.47 -6.76
CA ILE A 402 -12.88 3.91 -6.66
C ILE A 402 -13.93 4.74 -7.40
N GLU A 403 -14.42 4.23 -8.52
CA GLU A 403 -15.45 4.97 -9.27
C GLU A 403 -16.75 5.14 -8.48
N ASP A 404 -17.10 4.12 -7.69
CA ASP A 404 -18.31 4.17 -6.87
C ASP A 404 -18.20 5.22 -5.77
N LYS A 405 -17.05 5.23 -5.12
CA LYS A 405 -16.80 6.19 -4.07
C LYS A 405 -16.76 7.62 -4.61
N LEU A 406 -16.10 7.80 -5.76
CA LEU A 406 -16.03 9.12 -6.40
C LEU A 406 -17.41 9.55 -6.86
N ARG A 407 -18.13 8.62 -7.47
CA ARG A 407 -19.49 8.92 -7.93
C ARG A 407 -20.38 9.44 -6.79
N ALA A 408 -20.23 8.84 -5.61
CA ALA A 408 -21.03 9.25 -4.45
C ALA A 408 -20.68 10.66 -4.01
N LEU A 409 -19.53 11.16 -4.46
CA LEU A 409 -19.08 12.52 -4.16
C LEU A 409 -19.46 13.51 -5.26
N GLY A 410 -20.12 13.01 -6.30
CA GLY A 410 -20.54 13.88 -7.38
C GLY A 410 -19.78 13.73 -8.69
N ALA A 411 -18.79 12.84 -8.72
CA ALA A 411 -18.03 12.65 -9.95
C ALA A 411 -18.84 12.03 -11.08
N ASN A 412 -18.46 12.42 -12.29
CA ASN A 412 -19.04 11.90 -13.53
C ASN A 412 -18.01 10.91 -14.06
N ILE A 413 -18.19 9.64 -13.74
CA ILE A 413 -17.21 8.67 -14.16
C ILE A 413 -17.88 7.40 -14.62
N GLU A 414 -17.33 6.83 -15.68
CA GLU A 414 -17.86 5.62 -16.27
C GLU A 414 -16.80 4.57 -16.52
N ARG A 415 -17.07 3.35 -16.08
CA ARG A 415 -16.15 2.25 -16.34
C ARG A 415 -16.54 1.76 -17.73
N VAL A 416 -15.61 1.87 -18.67
CA VAL A 416 -15.87 1.45 -20.05
C VAL A 416 -15.14 0.13 -20.29
N LYS A 417 -15.92 -0.91 -20.58
CA LYS A 417 -15.35 -2.23 -20.82
C LYS A 417 -14.88 -2.55 -22.23
N GLY A 418 -13.63 -3.01 -22.33
CA GLY A 418 -13.07 -3.36 -23.62
C GLY A 418 -13.21 -4.85 -23.84
N GLU A 419 -13.20 -5.61 -22.76
CA GLU A 419 -13.33 -7.06 -22.82
C GLU A 419 -12.15 -7.94 -23.27
C1 PGE B . 11.55 -24.45 -10.36
O1 PGE B . 12.70 -25.20 -9.96
C2 PGE B . 10.62 -24.07 -9.20
O2 PGE B . 10.49 -25.12 -8.29
C3 PGE B . 9.63 -24.88 -7.17
C4 PGE B . 9.58 -25.96 -6.34
O4 PGE B . 13.16 -27.53 -4.87
C6 PGE B . 12.06 -27.38 -3.97
C5 PGE B . 10.75 -27.22 -4.77
O3 PGE B . 10.83 -26.07 -5.62
C1 PEG C . 9.54 -25.52 12.84
O1 PEG C . 9.38 -26.73 12.12
C2 PEG C . 8.28 -24.66 12.94
O2 PEG C . 7.13 -25.47 13.10
C3 PEG C . 5.91 -24.74 13.20
C4 PEG C . 5.20 -25.07 14.30
O4 PEG C . 4.25 -24.09 14.61
C1 EDO D . 6.42 -5.64 -1.57
O1 EDO D . 7.40 -5.22 -2.52
C2 EDO D . 7.02 -6.62 -0.55
O2 EDO D . 7.91 -5.93 0.32
C1 EDO E . 2.84 -24.25 -8.49
O1 EDO E . 3.18 -25.64 -8.45
C2 EDO E . 2.92 -23.64 -7.08
O2 EDO E . 1.78 -22.79 -6.83
C1 EDO F . -18.84 14.39 12.78
O1 EDO F . -19.52 13.15 13.00
C2 EDO F . -18.63 14.61 11.28
O2 EDO F . -18.59 16.00 10.99
C1 EDO G . 4.08 -5.16 23.84
O1 EDO G . 4.49 -3.94 24.47
C2 EDO G . 3.32 -4.84 22.57
O2 EDO G . 3.09 -6.04 21.82
C1 EDO H . 17.85 4.78 4.89
O1 EDO H . 18.74 4.44 3.87
C2 EDO H . 16.68 3.80 5.03
O2 EDO H . 16.20 3.38 3.81
C1 EDO I . 7.48 -1.52 -17.71
O1 EDO I . 7.68 -1.22 -19.09
C2 EDO I . 6.78 -2.88 -17.58
O2 EDO I . 7.35 -3.62 -16.51
C1 EDO J . -1.14 -1.13 19.53
O1 EDO J . -1.86 -0.48 18.48
C2 EDO J . 0.36 -1.01 19.28
O2 EDO J . 1.02 -2.18 19.77
C1 EDO K . 4.05 21.14 -21.94
O1 EDO K . 4.21 22.12 -20.91
C2 EDO K . 3.40 21.77 -23.17
O2 EDO K . 4.33 21.75 -24.26
C1 EDO L . -5.05 -17.63 19.57
O1 EDO L . -4.14 -16.99 20.40
C2 EDO L . -4.93 -19.13 19.66
O2 EDO L . -6.18 -19.69 19.29
C1 EDO M . 18.83 -11.26 19.85
O1 EDO M . 19.08 -12.50 19.20
C2 EDO M . 19.59 -11.21 21.18
O2 EDO M . 18.68 -11.06 22.25
C1 EDO N . 15.11 4.29 -7.96
O1 EDO N . 15.51 3.19 -8.74
C2 EDO N . 14.80 3.81 -6.56
O2 EDO N . 14.96 4.75 -5.53
C1 EDO O . 1.98 -27.71 10.69
O1 EDO O . 0.86 -27.85 11.57
C2 EDO O . 3.19 -27.17 11.47
O2 EDO O . 2.80 -25.99 12.17
C1 EDO P . 17.18 -9.74 -5.36
O1 EDO P . 16.26 -8.73 -5.42
C2 EDO P . 18.61 -9.37 -4.96
O2 EDO P . 19.29 -8.48 -5.85
C1 EDO Q . -19.95 16.74 -15.63
O1 EDO Q . -19.41 16.03 -14.53
C2 EDO Q . -19.03 17.89 -16.05
O2 EDO Q . -19.26 19.03 -15.21
C1 EDO R . 0.38 -13.28 22.55
O1 EDO R . -0.89 -12.94 23.12
C2 EDO R . 1.47 -13.30 23.62
O2 EDO R . 1.72 -11.97 24.10
C1 EDO S . 20.84 -20.00 12.55
O1 EDO S . 21.96 -19.32 12.99
C2 EDO S . 21.18 -21.45 12.66
O2 EDO S . 19.95 -22.09 12.78
C1 EDO T . -15.72 -20.97 8.06
O1 EDO T . -14.85 -21.05 6.92
C2 EDO T . -16.21 -19.53 8.25
O2 EDO T . -16.96 -19.11 7.11
C ACT U . 16.94 14.67 -14.63
O ACT U . 15.72 13.95 -14.57
OXT ACT U . 17.01 15.71 -15.29
CH3 ACT U . 18.15 14.16 -13.90
N1U EPU V . 14.70 -2.05 -0.73
C2U EPU V . 15.91 -2.70 -1.04
N3U EPU V . 16.04 -4.06 -0.69
C4U EPU V . 15.00 -4.80 -0.01
C5U EPU V . 13.78 -4.07 0.27
C6U EPU V . 13.65 -2.76 -0.08
O2U EPU V . 16.87 -2.16 -1.61
O4U EPU V . 15.21 -5.96 0.25
C1D EPU V . 14.46 -0.62 -1.08
C2D EPU V . 13.32 -0.40 -2.12
O2D EPU V . 13.87 -0.67 -3.39
C3D EPU V . 12.95 1.08 -1.81
C4D EPU V . 13.13 1.15 -0.28
O4D EPU V . 14.05 0.10 0.06
O3D EPU V . 13.88 1.92 -2.45
C5D EPU V . 11.79 0.97 0.53
O5D EPU V . 11.26 -0.23 0.16
PA EPU V . 10.14 -1.05 1.11
O1A EPU V . 10.73 -2.42 1.29
O2A EPU V . 9.94 -0.16 2.30
O3A EPU V . 8.90 -1.16 0.20
PB EPU V . 7.91 -2.37 -0.10
O1B EPU V . 7.75 -3.22 1.10
O2B EPU V . 8.33 -2.94 -1.42
C1 EPU V . 5.64 -1.18 0.66
C2 EPU V . 4.27 -0.95 -0.02
C3 EPU V . 4.39 0.11 -1.14
C4 EPU V . 4.90 1.42 -0.46
C5 EPU V . 6.31 1.11 0.18
C6 EPU V . 6.91 2.37 0.88
C7 EPU V . 3.17 -3.10 0.31
C8 EPU V . 2.69 -4.41 -0.36
N2 EPU V . 3.79 -2.22 -0.54
O1 EPU V . 6.46 -1.63 -0.35
O3 EPU V . 3.08 0.28 -1.73
O4 EPU V . 5.01 2.39 -1.46
O5 EPU V . 6.14 0.07 1.15
O6 EPU V . 5.96 2.92 1.79
O7 EPU V . 2.96 -2.94 1.50
C1E EPU V . 1.93 -1.19 -3.47
O1E EPU V . 0.84 -0.97 -2.98
O2E EPU V . 2.27 -2.19 -4.19
C2E EPU V . 2.96 -0.06 -3.12
C3E EPU V . 3.58 0.56 -4.16
#